data_5JV2
#
_entry.id   5JV2
#
_cell.length_a   110.410
_cell.length_b   110.410
_cell.length_c   76.270
_cell.angle_alpha   90.00
_cell.angle_beta   90.00
_cell.angle_gamma   90.00
#
_symmetry.space_group_name_H-M   'P 41 21 2'
#
loop_
_entity.id
_entity.type
_entity.pdbx_description
1 polymer 'Farnesyl pyrophosphate synthase'
2 non-polymer 'PHOSPHATE ION'
3 non-polymer 'CHLORIDE ION'
4 non-polymer '{[6-(4-methylphenyl)thieno[2,3-d]pyrimidin-5-yl]methyl}phosphonic acid'
5 water water
#
_entity_poly.entity_id   1
_entity_poly.type   'polypeptide(L)'
_entity_poly.pdbx_seq_one_letter_code
;MGSSHHHHHHSSGRENLYFQGHMNGDQNSDVYAQEKQDFVQHFSQIVRVLTEDEMGHPEIGDAIARLKEVLEYNAIGGKY
NRGLTVVVAFRELVEPRKQDADSLQRAWTVGWCVELLQAFFLVADDIMDSSLTRRGQICWYQKPGVGLDAINDANLLEAC
IYRLLKLYCREQPYYLNLIELFLQSSYQTEIGQTLDLLTAPQGNVDLVRFTEKRYKSIVKYKTAFYSFYLPIAAAMYMAG
IDGEKEHANAKKILLEMGEFFQIQDDYLDLFGDPSVTGKIGTDIQDNKCSWLVVQCLQRATPEQYQILKENYGQKEAEKV
ARVKALYEELDLPAVFLQYEEDSYSHIMALIEQYAAPLPPAVFLGLARKIYKRRK
;
_entity_poly.pdbx_strand_id   F
#
# COMPACT_ATOMS: atom_id res chain seq x y z
N TYR A 32 18.36 4.54 -9.26
CA TYR A 32 17.17 4.20 -8.43
C TYR A 32 17.46 4.10 -6.93
N ALA A 33 18.59 3.51 -6.53
CA ALA A 33 19.04 3.49 -5.11
C ALA A 33 19.61 4.84 -4.69
N GLN A 34 20.03 5.60 -5.72
CA GLN A 34 20.52 6.97 -5.56
C GLN A 34 19.36 7.95 -5.38
N GLU A 35 18.40 7.92 -6.32
CA GLU A 35 17.07 8.61 -6.23
C GLU A 35 16.45 8.37 -4.84
N LYS A 36 16.44 7.10 -4.42
CA LYS A 36 16.02 6.70 -3.05
C LYS A 36 16.70 7.46 -1.89
N GLN A 37 18.01 7.65 -1.96
CA GLN A 37 18.69 8.38 -0.88
C GLN A 37 18.41 9.90 -1.01
N ASP A 38 18.27 10.46 -2.23
CA ASP A 38 17.87 11.86 -2.35
C ASP A 38 16.45 11.97 -1.72
N PHE A 39 15.57 11.02 -2.06
CA PHE A 39 14.21 11.10 -1.53
C PHE A 39 14.27 11.09 -0.03
N VAL A 40 15.11 10.25 0.54
CA VAL A 40 15.20 10.15 2.01
C VAL A 40 15.82 11.37 2.64
N GLN A 41 16.77 11.97 1.96
CA GLN A 41 17.46 13.15 2.48
C GLN A 41 16.54 14.33 2.52
N HIS A 42 15.47 14.32 1.71
CA HIS A 42 14.55 15.44 1.68
C HIS A 42 13.58 15.44 2.89
N PHE A 43 13.50 14.29 3.54
CA PHE A 43 12.68 14.11 4.68
C PHE A 43 12.98 15.10 5.79
N SER A 44 14.24 15.29 6.00
CA SER A 44 14.64 16.22 7.05
C SER A 44 14.01 17.60 6.90
N GLN A 45 13.83 18.06 5.67
CA GLN A 45 13.26 19.34 5.38
C GLN A 45 11.75 19.29 5.62
N ILE A 46 11.13 18.21 5.17
CA ILE A 46 9.68 17.93 5.41
C ILE A 46 9.38 18.14 6.90
N VAL A 47 10.18 17.51 7.74
CA VAL A 47 10.03 17.56 9.14
C VAL A 47 10.30 18.97 9.66
N ARG A 48 11.33 19.64 9.17
CA ARG A 48 11.60 21.02 9.53
C ARG A 48 10.34 21.89 9.28
N VAL A 49 9.78 21.77 8.09
CA VAL A 49 8.65 22.69 7.78
C VAL A 49 7.32 22.34 8.50
N LEU A 50 7.15 21.07 8.82
CA LEU A 50 6.01 20.73 9.62
C LEU A 50 6.18 21.09 11.11
N THR A 51 7.37 21.45 11.59
CA THR A 51 7.65 21.57 13.03
C THR A 51 8.11 22.95 13.45
N GLU A 52 7.56 24.01 12.83
CA GLU A 52 7.71 25.41 13.30
C GLU A 52 6.56 25.82 14.25
N PRO A 58 4.17 29.01 20.02
CA PRO A 58 4.64 29.19 21.43
C PRO A 58 4.22 28.05 22.42
N GLU A 59 3.04 28.07 23.05
CA GLU A 59 2.69 26.96 24.01
C GLU A 59 2.36 25.58 23.37
N ILE A 60 1.94 25.57 22.11
CA ILE A 60 1.85 24.28 21.41
C ILE A 60 3.20 23.67 21.02
N GLY A 61 4.34 24.28 21.39
CA GLY A 61 5.64 23.71 21.10
C GLY A 61 5.71 22.27 21.53
N ASP A 62 5.22 21.92 22.70
CA ASP A 62 5.28 20.53 23.16
C ASP A 62 4.56 19.51 22.18
N ALA A 63 3.42 19.91 21.67
CA ALA A 63 2.62 19.17 20.66
C ALA A 63 3.44 19.01 19.43
N ILE A 64 4.15 20.08 19.05
CA ILE A 64 4.86 20.03 17.81
C ILE A 64 6.03 19.11 17.99
N ALA A 65 6.67 19.14 19.15
CA ALA A 65 7.74 18.19 19.47
C ALA A 65 7.25 16.74 19.37
N ARG A 66 6.06 16.46 19.88
CA ARG A 66 5.55 15.13 19.83
C ARG A 66 5.27 14.77 18.30
N LEU A 67 4.79 15.76 17.52
CA LEU A 67 4.58 15.59 16.11
C LEU A 67 5.82 15.21 15.41
N LYS A 68 6.92 15.80 15.79
CA LYS A 68 8.17 15.47 15.18
C LYS A 68 8.59 14.00 15.49
N GLU A 69 8.43 13.60 16.74
CA GLU A 69 8.73 12.27 17.18
C GLU A 69 7.88 11.28 16.40
N VAL A 70 6.64 11.65 16.12
CA VAL A 70 5.69 10.77 15.38
C VAL A 70 6.14 10.61 13.90
N LEU A 71 6.53 11.70 13.29
CA LEU A 71 7.02 11.71 11.96
C LEU A 71 8.27 10.85 11.85
N GLU A 72 9.19 11.05 12.75
CA GLU A 72 10.47 10.40 12.68
C GLU A 72 10.34 8.90 12.89
N TYR A 73 9.49 8.46 13.83
CA TYR A 73 9.34 7.03 14.09
C TYR A 73 8.57 6.30 12.94
N ASN A 74 7.57 6.96 12.38
CA ASN A 74 6.59 6.32 11.56
C ASN A 74 6.70 6.50 10.07
N ALA A 75 7.33 7.58 9.59
CA ALA A 75 7.49 7.86 8.18
C ALA A 75 8.83 7.40 7.67
N ILE A 76 9.69 6.93 8.52
CA ILE A 76 10.93 6.44 8.11
C ILE A 76 11.03 4.99 8.39
N GLY A 77 11.74 4.30 7.51
CA GLY A 77 12.21 2.92 7.76
C GLY A 77 11.52 1.90 6.84
N GLY A 78 10.65 2.39 5.94
CA GLY A 78 10.10 1.56 4.89
C GLY A 78 11.06 1.53 3.74
N LYS A 79 10.56 1.16 2.57
CA LYS A 79 11.35 1.14 1.34
C LYS A 79 11.09 2.37 0.48
N TYR A 80 10.06 3.15 0.76
CA TYR A 80 9.83 4.42 0.10
C TYR A 80 9.41 4.28 -1.36
N ASN A 81 8.95 3.09 -1.73
CA ASN A 81 8.59 2.85 -3.10
C ASN A 81 7.40 3.66 -3.61
N ARG A 82 6.40 3.88 -2.79
CA ARG A 82 5.25 4.61 -3.20
C ARG A 82 5.56 6.09 -3.40
N GLY A 83 6.30 6.67 -2.48
CA GLY A 83 6.67 8.05 -2.60
C GLY A 83 7.66 8.26 -3.69
N LEU A 84 8.60 7.34 -3.80
CA LEU A 84 9.53 7.46 -4.90
C LEU A 84 8.86 7.42 -6.26
N THR A 85 7.77 6.66 -6.38
CA THR A 85 7.13 6.43 -7.62
C THR A 85 6.58 7.76 -8.13
N VAL A 86 6.15 8.62 -7.20
CA VAL A 86 5.70 9.96 -7.57
C VAL A 86 6.81 10.67 -8.23
N VAL A 87 8.01 10.59 -7.66
CA VAL A 87 9.13 11.39 -8.19
C VAL A 87 9.58 10.87 -9.53
N VAL A 88 9.81 9.58 -9.59
CA VAL A 88 10.18 8.96 -10.84
C VAL A 88 9.10 9.26 -11.92
N ALA A 89 7.84 9.10 -11.59
CA ALA A 89 6.85 9.27 -12.61
C ALA A 89 6.84 10.72 -13.00
N PHE A 90 7.04 11.62 -12.05
CA PHE A 90 7.03 13.03 -12.39
C PHE A 90 8.12 13.41 -13.42
N ARG A 91 9.30 12.85 -13.30
CA ARG A 91 10.37 13.07 -14.22
C ARG A 91 10.06 12.51 -15.58
N GLU A 92 9.39 11.38 -15.67
CA GLU A 92 9.15 10.78 -16.94
C GLU A 92 8.03 11.51 -17.70
N LEU A 93 7.27 12.34 -17.05
CA LEU A 93 6.03 12.84 -17.61
C LEU A 93 6.10 14.24 -18.10
N VAL A 94 7.10 14.95 -17.61
CA VAL A 94 7.14 16.38 -17.67
C VAL A 94 8.16 16.90 -18.68
N PRO A 96 10.92 18.04 -19.99
CA PRO A 96 12.09 18.21 -19.07
C PRO A 96 12.44 19.67 -18.74
N ARG A 97 11.85 20.60 -19.50
CA ARG A 97 12.08 22.05 -19.40
C ARG A 97 10.86 22.67 -18.68
N LYS A 98 10.22 21.93 -17.78
CA LYS A 98 9.34 22.52 -16.74
C LYS A 98 9.73 21.90 -15.38
N GLN A 99 11.03 21.49 -15.27
CA GLN A 99 11.64 20.91 -14.04
C GLN A 99 12.71 21.86 -13.46
N ASP A 100 12.28 23.04 -13.00
CA ASP A 100 13.09 23.89 -12.11
C ASP A 100 13.21 23.27 -10.68
N ALA A 101 14.16 23.73 -9.88
CA ALA A 101 14.34 23.23 -8.53
C ALA A 101 13.04 23.20 -7.69
N ASP A 102 12.14 24.15 -7.91
CA ASP A 102 10.91 24.20 -7.16
C ASP A 102 9.93 23.12 -7.62
N SER A 103 9.89 22.79 -8.92
CA SER A 103 9.05 21.70 -9.43
C SER A 103 9.48 20.38 -8.81
N LEU A 104 10.76 20.18 -8.87
CA LEU A 104 11.37 19.04 -8.18
C LEU A 104 11.08 18.99 -6.71
N GLN A 105 11.28 20.09 -5.99
CA GLN A 105 10.94 20.11 -4.60
C GLN A 105 9.44 19.73 -4.33
N ARG A 106 8.55 20.14 -5.23
CA ARG A 106 7.14 19.79 -5.06
C ARG A 106 6.91 18.32 -5.29
N ALA A 107 7.54 17.76 -6.31
CA ALA A 107 7.51 16.33 -6.50
C ALA A 107 8.02 15.52 -5.30
N TRP A 108 9.18 15.86 -4.73
CA TRP A 108 9.69 15.15 -3.52
C TRP A 108 8.60 15.27 -2.44
N THR A 109 7.99 16.44 -2.30
CA THR A 109 7.09 16.73 -1.19
C THR A 109 5.84 15.87 -1.32
N VAL A 110 5.30 15.80 -2.52
CA VAL A 110 4.06 15.03 -2.77
C VAL A 110 4.35 13.52 -2.61
N GLY A 111 5.53 13.07 -3.07
CA GLY A 111 6.05 11.76 -2.69
C GLY A 111 6.04 11.59 -1.19
N TRP A 112 6.58 12.56 -0.45
CA TRP A 112 6.49 12.46 0.99
C TRP A 112 5.04 12.42 1.46
N CYS A 113 4.11 13.13 0.79
CA CYS A 113 2.72 13.08 1.18
C CYS A 113 2.20 11.68 1.03
N VAL A 114 2.58 10.96 0.00
CA VAL A 114 2.14 9.58 -0.17
C VAL A 114 2.67 8.73 0.99
N GLU A 115 3.89 8.99 1.41
CA GLU A 115 4.50 8.16 2.49
C GLU A 115 3.82 8.45 3.75
N LEU A 116 3.43 9.71 3.95
CA LEU A 116 2.63 10.07 5.16
C LEU A 116 1.26 9.44 5.22
N LEU A 117 0.58 9.34 4.11
CA LEU A 117 -0.67 8.69 4.05
C LEU A 117 -0.43 7.23 4.42
N GLN A 118 0.58 6.66 3.84
CA GLN A 118 0.98 5.33 4.27
C GLN A 118 1.21 5.20 5.77
N ALA A 119 1.94 6.13 6.36
CA ALA A 119 2.22 6.03 7.73
C ALA A 119 0.99 6.08 8.63
N PHE A 120 0.05 6.94 8.25
CA PHE A 120 -1.24 7.11 8.91
C PHE A 120 -1.94 5.75 8.91
N PHE A 121 -2.03 5.14 7.76
CA PHE A 121 -2.70 3.86 7.67
C PHE A 121 -2.02 2.81 8.51
N LEU A 122 -0.72 2.81 8.49
CA LEU A 122 -0.01 1.72 9.19
C LEU A 122 -0.13 1.86 10.66
N VAL A 123 -0.05 3.03 11.17
CA VAL A 123 -0.06 3.22 12.63
C VAL A 123 -1.43 2.81 13.15
N ALA A 124 -2.50 3.20 12.44
CA ALA A 124 -3.85 2.89 12.78
C ALA A 124 -4.14 1.40 12.61
N ASP A 125 -3.73 0.79 11.51
CA ASP A 125 -3.90 -0.65 11.26
C ASP A 125 -3.22 -1.60 12.27
N ASP A 126 -2.04 -1.18 12.71
CA ASP A 126 -1.31 -1.90 13.71
C ASP A 126 -2.07 -1.92 15.01
N ILE A 127 -2.74 -0.85 15.34
CA ILE A 127 -3.48 -0.80 16.58
C ILE A 127 -4.65 -1.70 16.38
N MET A 128 -5.42 -1.50 15.30
CA MET A 128 -6.59 -2.36 15.06
C MET A 128 -6.32 -3.84 15.02
N ASP A 129 -5.24 -4.25 14.43
CA ASP A 129 -4.80 -5.66 14.34
C ASP A 129 -4.07 -6.16 15.56
N SER A 130 -3.74 -5.30 16.49
CA SER A 130 -2.86 -5.65 17.64
C SER A 130 -1.49 -6.16 17.14
N SER A 131 -0.92 -5.55 16.13
CA SER A 131 0.39 -5.98 15.71
C SER A 131 1.49 -5.55 16.74
N LEU A 132 2.64 -6.22 16.70
CA LEU A 132 3.74 -6.08 17.64
C LEU A 132 4.84 -5.32 17.00
N THR A 133 5.17 -5.71 15.80
CA THR A 133 6.23 -5.00 15.09
C THR A 133 5.84 -4.53 13.71
N ARG A 134 6.68 -3.64 13.19
CA ARG A 134 6.46 -2.90 11.97
C ARG A 134 7.83 -2.38 11.55
N ARG A 135 8.25 -2.71 10.35
CA ARG A 135 9.44 -2.03 9.76
C ARG A 135 10.64 -2.24 10.64
N GLY A 136 10.75 -3.43 11.21
CA GLY A 136 11.90 -3.72 12.10
C GLY A 136 11.92 -3.01 13.46
N GLN A 137 10.76 -2.65 13.99
CA GLN A 137 10.74 -2.01 15.28
C GLN A 137 9.44 -2.32 15.96
N ILE A 138 9.39 -2.01 17.23
CA ILE A 138 8.15 -2.05 17.97
C ILE A 138 7.10 -1.13 17.28
N CYS A 139 5.92 -1.58 17.01
CA CYS A 139 4.91 -0.65 16.52
C CYS A 139 4.76 0.52 17.48
N TRP A 140 4.54 1.69 16.89
CA TRP A 140 4.42 2.95 17.64
C TRP A 140 3.47 2.82 18.83
N TYR A 141 2.27 2.29 18.61
CA TYR A 141 1.30 2.22 19.71
C TYR A 141 1.76 1.38 20.83
N GLN A 142 2.66 0.45 20.56
CA GLN A 142 3.25 -0.42 21.56
C GLN A 142 4.41 0.18 22.30
N LYS A 143 4.89 1.35 21.93
CA LYS A 143 5.95 2.00 22.70
C LYS A 143 5.36 2.39 24.07
N PRO A 144 6.10 2.15 25.14
CA PRO A 144 5.63 2.53 26.45
C PRO A 144 5.21 3.99 26.55
N GLY A 145 4.04 4.27 27.13
CA GLY A 145 3.56 5.68 27.10
C GLY A 145 2.96 6.18 25.78
N VAL A 146 2.82 5.38 24.73
CA VAL A 146 2.05 5.84 23.59
C VAL A 146 0.66 5.27 23.66
N GLY A 147 0.57 3.97 23.53
CA GLY A 147 -0.67 3.31 23.64
C GLY A 147 -1.66 3.85 22.62
N LEU A 148 -2.89 3.99 23.09
CA LEU A 148 -3.91 4.50 22.25
C LEU A 148 -3.83 5.96 21.87
N ASP A 149 -2.97 6.75 22.50
CA ASP A 149 -2.66 8.06 21.98
C ASP A 149 -2.21 8.02 20.55
N ALA A 150 -1.71 6.89 20.11
CA ALA A 150 -1.40 6.66 18.68
C ALA A 150 -2.50 6.95 17.73
N ILE A 151 -3.74 6.93 18.18
CA ILE A 151 -4.88 7.25 17.31
C ILE A 151 -4.79 8.69 16.88
N ASN A 152 -4.55 9.58 17.81
CA ASN A 152 -4.38 10.97 17.45
C ASN A 152 -3.07 11.18 16.65
N ASP A 153 -1.99 10.52 17.05
CA ASP A 153 -0.77 10.65 16.28
C ASP A 153 -1.02 10.27 14.83
N ALA A 154 -1.80 9.21 14.60
CA ALA A 154 -2.06 8.84 13.26
C ALA A 154 -2.93 9.91 12.58
N ASN A 155 -3.89 10.50 13.27
CA ASN A 155 -4.60 11.55 12.67
C ASN A 155 -3.70 12.67 12.28
N LEU A 156 -2.71 12.94 13.07
CA LEU A 156 -1.76 14.02 12.77
C LEU A 156 -0.95 13.72 11.51
N LEU A 157 -0.56 12.47 11.32
CA LEU A 157 0.12 12.09 10.08
C LEU A 157 -0.72 12.37 8.86
N GLU A 158 -2.00 12.16 8.98
CA GLU A 158 -2.92 12.41 7.84
C GLU A 158 -2.93 13.91 7.63
N ALA A 159 -3.03 14.67 8.74
CA ALA A 159 -3.20 16.06 8.61
C ALA A 159 -1.98 16.69 7.93
N CYS A 160 -0.83 16.14 8.19
CA CYS A 160 0.41 16.65 7.64
C CYS A 160 0.44 16.66 6.12
N ILE A 161 -0.31 15.75 5.49
CA ILE A 161 -0.39 15.65 4.06
C ILE A 161 -0.90 16.95 3.57
N TYR A 162 -1.97 17.45 4.17
CA TYR A 162 -2.63 18.66 3.55
C TYR A 162 -1.87 19.94 3.93
N ARG A 163 -1.19 19.91 5.05
CA ARG A 163 -0.29 21.05 5.41
C ARG A 163 0.84 21.18 4.38
N LEU A 164 1.43 20.06 4.00
CA LEU A 164 2.53 20.11 3.05
C LEU A 164 2.02 20.58 1.72
N LEU A 165 0.86 20.05 1.27
CA LEU A 165 0.23 20.39 -0.02
C LEU A 165 -0.07 21.87 -0.04
N LYS A 166 -0.61 22.36 1.03
CA LYS A 166 -0.76 23.77 1.10
C LYS A 166 0.54 24.53 1.04
N LEU A 167 1.51 24.13 1.83
CA LEU A 167 2.77 24.88 1.90
C LEU A 167 3.48 24.93 0.57
N TYR A 168 3.43 23.86 -0.18
CA TYR A 168 4.22 23.77 -1.38
C TYR A 168 3.45 23.88 -2.66
N CYS A 169 2.17 23.56 -2.66
CA CYS A 169 1.38 23.53 -3.87
C CYS A 169 0.20 24.48 -3.96
N ARG A 170 -0.06 25.33 -2.97
CA ARG A 170 -1.32 26.11 -3.01
C ARG A 170 -1.49 27.02 -4.23
N GLU A 171 -0.38 27.43 -4.82
CA GLU A 171 -0.42 28.32 -5.99
C GLU A 171 -0.54 27.54 -7.27
N GLN A 172 -0.38 26.22 -7.22
CA GLN A 172 -0.31 25.45 -8.47
C GLN A 172 -1.67 25.12 -9.03
N PRO A 173 -1.82 24.97 -10.38
CA PRO A 173 -3.17 24.73 -10.91
C PRO A 173 -3.77 23.40 -10.47
N TYR A 174 -2.93 22.46 -10.12
CA TYR A 174 -3.35 21.12 -9.73
C TYR A 174 -3.65 20.90 -8.24
N TYR A 175 -3.61 21.99 -7.45
CA TYR A 175 -3.67 21.93 -6.00
C TYR A 175 -4.90 21.18 -5.51
N LEU A 176 -6.05 21.66 -5.91
CA LEU A 176 -7.25 21.04 -5.58
C LEU A 176 -7.29 19.66 -6.11
N ASN A 177 -6.82 19.42 -7.34
CA ASN A 177 -6.79 18.03 -7.83
C ASN A 177 -6.05 17.05 -6.87
N LEU A 178 -4.91 17.50 -6.35
CA LEU A 178 -4.15 16.75 -5.39
C LEU A 178 -4.85 16.63 -4.03
N ILE A 179 -5.41 17.70 -3.48
CA ILE A 179 -6.16 17.52 -2.22
C ILE A 179 -7.23 16.40 -2.43
N GLU A 180 -8.01 16.52 -3.48
CA GLU A 180 -9.09 15.57 -3.74
C GLU A 180 -8.59 14.11 -3.98
N LEU A 181 -7.46 13.95 -4.67
CA LEU A 181 -6.83 12.70 -4.85
C LEU A 181 -6.43 12.05 -3.52
N PHE A 182 -5.83 12.81 -2.63
CA PHE A 182 -5.42 12.25 -1.38
C PHE A 182 -6.66 11.86 -0.49
N LEU A 183 -7.69 12.72 -0.49
CA LEU A 183 -8.92 12.46 0.24
C LEU A 183 -9.60 11.22 -0.35
N GLN A 184 -9.73 11.13 -1.64
CA GLN A 184 -10.36 9.98 -2.23
C GLN A 184 -9.55 8.72 -1.95
N SER A 185 -8.23 8.81 -1.96
CA SER A 185 -7.38 7.68 -1.62
C SER A 185 -7.55 7.18 -0.17
N SER A 186 -7.72 8.10 0.75
CA SER A 186 -7.94 7.83 2.11
C SER A 186 -9.26 7.13 2.28
N TYR A 187 -10.31 7.67 1.71
CA TYR A 187 -11.64 7.03 1.68
C TYR A 187 -11.64 5.59 1.06
N GLN A 188 -11.00 5.43 -0.05
CA GLN A 188 -10.96 4.10 -0.65
C GLN A 188 -10.26 3.11 0.23
N THR A 189 -9.20 3.59 0.87
CA THR A 189 -8.37 2.74 1.66
C THR A 189 -9.19 2.40 2.88
N GLU A 190 -9.93 3.35 3.44
CA GLU A 190 -10.68 3.08 4.67
C GLU A 190 -11.84 2.12 4.46
N ILE A 191 -12.47 2.31 3.34
CA ILE A 191 -13.64 1.54 2.92
C ILE A 191 -13.19 0.11 2.63
N GLY A 192 -12.01 -0.02 2.13
CA GLY A 192 -11.45 -1.37 1.99
C GLY A 192 -11.05 -1.99 3.27
N GLN A 193 -10.57 -1.19 4.21
CA GLN A 193 -10.20 -1.71 5.48
C GLN A 193 -11.42 -2.26 6.21
N THR A 194 -12.52 -1.53 6.13
CA THR A 194 -13.79 -1.90 6.72
C THR A 194 -14.16 -3.28 6.09
N LEU A 195 -14.04 -3.37 4.80
CA LEU A 195 -14.44 -4.59 4.14
C LEU A 195 -13.57 -5.71 4.67
N ASP A 196 -12.30 -5.42 4.84
CA ASP A 196 -11.43 -6.44 5.34
C ASP A 196 -11.84 -6.92 6.72
N LEU A 197 -12.04 -5.95 7.60
CA LEU A 197 -12.43 -6.19 9.00
C LEU A 197 -13.76 -6.92 9.14
N LEU A 198 -14.73 -6.63 8.31
CA LEU A 198 -15.94 -7.43 8.30
C LEU A 198 -15.67 -8.89 7.84
N THR A 199 -14.65 -9.08 7.01
CA THR A 199 -14.46 -10.32 6.24
C THR A 199 -13.68 -11.30 7.07
N ALA A 200 -12.74 -10.78 7.84
CA ALA A 200 -11.73 -11.58 8.50
C ALA A 200 -11.58 -11.23 9.95
N PRO A 201 -12.67 -11.23 10.74
CA PRO A 201 -12.48 -10.87 12.19
C PRO A 201 -11.50 -11.79 12.97
N GLN A 202 -10.27 -11.28 13.26
CA GLN A 202 -9.14 -12.06 13.89
C GLN A 202 -9.69 -12.61 15.17
N GLY A 203 -9.62 -13.94 15.34
CA GLY A 203 -10.18 -14.66 16.52
C GLY A 203 -11.54 -15.39 16.34
N ASN A 204 -12.09 -15.32 15.13
CA ASN A 204 -13.37 -15.95 14.78
C ASN A 204 -13.36 -16.57 13.32
N VAL A 205 -13.21 -17.89 13.22
CA VAL A 205 -13.00 -18.60 11.93
C VAL A 205 -14.23 -18.57 11.04
N ASP A 206 -14.19 -17.80 9.95
CA ASP A 206 -15.20 -17.97 8.92
C ASP A 206 -14.68 -17.76 7.51
N LEU A 207 -14.96 -18.79 6.72
CA LEU A 207 -14.41 -19.01 5.42
C LEU A 207 -15.48 -18.91 4.33
N VAL A 208 -16.76 -18.89 4.70
CA VAL A 208 -17.85 -18.58 3.76
C VAL A 208 -17.79 -17.12 3.30
N ARG A 209 -17.13 -16.29 4.12
CA ARG A 209 -16.83 -14.92 3.73
C ARG A 209 -15.78 -14.75 2.60
N PHE A 210 -14.84 -15.71 2.52
CA PHE A 210 -13.64 -15.60 1.68
C PHE A 210 -13.89 -15.97 0.22
N THR A 211 -14.43 -15.05 -0.55
CA THR A 211 -14.77 -15.35 -1.91
C THR A 211 -13.82 -14.56 -2.81
N GLU A 212 -13.63 -15.08 -4.01
CA GLU A 212 -12.83 -14.41 -5.02
C GLU A 212 -13.27 -12.96 -5.14
N LYS A 213 -14.54 -12.72 -5.40
CA LYS A 213 -15.14 -11.41 -5.71
C LYS A 213 -14.79 -10.44 -4.53
N ARG A 214 -14.96 -10.95 -3.33
CA ARG A 214 -14.59 -10.32 -2.09
C ARG A 214 -13.14 -10.06 -1.90
N TYR A 215 -12.30 -11.06 -2.12
CA TYR A 215 -10.82 -10.84 -2.08
C TYR A 215 -10.35 -9.67 -2.98
N LYS A 216 -10.81 -9.72 -4.22
CA LYS A 216 -10.50 -8.74 -5.22
C LYS A 216 -11.03 -7.33 -4.81
N SER A 217 -12.22 -7.26 -4.24
CA SER A 217 -12.75 -6.04 -3.75
C SER A 217 -11.91 -5.46 -2.57
N ILE A 218 -11.50 -6.31 -1.62
CA ILE A 218 -10.61 -5.85 -0.55
C ILE A 218 -9.29 -5.28 -1.09
N VAL A 219 -8.70 -5.99 -2.03
CA VAL A 219 -7.38 -5.56 -2.52
C VAL A 219 -7.50 -4.23 -3.26
N LYS A 220 -8.51 -4.08 -4.08
CA LYS A 220 -8.65 -2.90 -4.83
C LYS A 220 -8.78 -1.69 -3.92
N TYR A 221 -9.62 -1.79 -2.91
CA TYR A 221 -9.93 -0.63 -2.14
C TYR A 221 -8.81 -0.39 -1.11
N LYS A 222 -8.46 -1.45 -0.37
CA LYS A 222 -7.55 -1.28 0.75
C LYS A 222 -6.11 -1.01 0.32
N THR A 223 -5.72 -1.59 -0.82
CA THR A 223 -4.30 -1.59 -1.20
C THR A 223 -3.90 -0.92 -2.56
N ALA A 224 -4.63 -1.26 -3.62
CA ALA A 224 -4.19 -0.96 -4.95
C ALA A 224 -4.38 0.52 -5.29
N PHE A 225 -5.49 1.09 -4.86
CA PHE A 225 -5.77 2.46 -5.16
C PHE A 225 -4.63 3.31 -4.60
N TYR A 226 -4.28 3.23 -3.33
CA TYR A 226 -3.34 4.20 -2.80
C TYR A 226 -1.89 3.81 -3.15
N SER A 227 -1.65 2.51 -3.35
CA SER A 227 -0.32 1.99 -3.51
C SER A 227 0.12 2.16 -4.94
N PHE A 228 -0.80 2.00 -5.90
CA PHE A 228 -0.52 2.04 -7.29
C PHE A 228 -1.11 3.22 -8.07
N TYR A 229 -2.40 3.44 -7.96
CA TYR A 229 -3.04 4.57 -8.65
C TYR A 229 -2.58 5.93 -8.07
N LEU A 230 -2.71 6.10 -6.80
CA LEU A 230 -2.38 7.35 -6.15
C LEU A 230 -1.03 7.97 -6.60
N PRO A 231 0.09 7.27 -6.49
CA PRO A 231 1.34 7.96 -6.80
C PRO A 231 1.49 8.40 -8.26
N ILE A 232 1.07 7.55 -9.21
CA ILE A 232 1.11 7.90 -10.62
C ILE A 232 0.09 9.00 -10.86
N ALA A 233 -1.12 8.91 -10.26
CA ALA A 233 -2.12 9.94 -10.47
C ALA A 233 -1.66 11.27 -10.02
N ALA A 234 -0.84 11.28 -8.97
CA ALA A 234 -0.43 12.54 -8.39
C ALA A 234 0.53 13.16 -9.36
N ALA A 235 1.47 12.35 -9.82
CA ALA A 235 2.47 12.75 -10.81
C ALA A 235 1.78 13.23 -12.11
N MET A 236 0.72 12.59 -12.53
CA MET A 236 0.01 13.04 -13.70
C MET A 236 -0.51 14.43 -13.53
N TYR A 237 -1.14 14.68 -12.40
CA TYR A 237 -1.69 16.05 -12.15
C TYR A 237 -0.65 17.07 -12.07
N MET A 238 0.47 16.73 -11.48
CA MET A 238 1.56 17.71 -11.38
C MET A 238 2.09 18.07 -12.77
N ALA A 239 1.95 17.09 -13.65
CA ALA A 239 2.43 17.29 -14.97
C ALA A 239 1.37 17.94 -15.86
N GLY A 240 0.21 18.33 -15.35
CA GLY A 240 -0.76 18.98 -16.19
C GLY A 240 -1.73 18.02 -16.79
N ILE A 241 -1.57 16.73 -16.51
CA ILE A 241 -2.37 15.72 -17.23
C ILE A 241 -3.53 15.46 -16.30
N ASP A 242 -4.63 16.15 -16.57
CA ASP A 242 -5.73 16.03 -15.63
C ASP A 242 -7.01 15.41 -16.17
N GLY A 243 -6.97 14.91 -17.40
CA GLY A 243 -8.17 14.44 -18.07
C GLY A 243 -8.72 13.20 -17.39
N GLU A 244 -10.04 13.07 -17.34
CA GLU A 244 -10.73 11.97 -16.63
C GLU A 244 -10.39 10.67 -17.33
N LYS A 245 -10.42 10.68 -18.67
CA LYS A 245 -10.12 9.49 -19.49
C LYS A 245 -8.65 8.99 -19.29
N GLU A 246 -7.69 9.90 -19.31
CA GLU A 246 -6.32 9.48 -19.07
C GLU A 246 -6.14 8.86 -17.70
N HIS A 247 -6.74 9.51 -16.72
CA HIS A 247 -6.68 9.00 -15.38
C HIS A 247 -7.38 7.70 -15.32
N ALA A 248 -8.50 7.55 -16.00
CA ALA A 248 -9.20 6.27 -15.94
C ALA A 248 -8.37 5.17 -16.63
N ASN A 249 -7.62 5.58 -17.64
CA ASN A 249 -6.79 4.63 -18.39
C ASN A 249 -5.65 4.17 -17.47
N ALA A 250 -4.98 5.14 -16.87
CA ALA A 250 -3.89 4.77 -16.01
C ALA A 250 -4.42 3.86 -14.88
N LYS A 251 -5.54 4.25 -14.27
CA LYS A 251 -6.15 3.47 -13.18
C LYS A 251 -6.38 1.98 -13.56
N LYS A 252 -6.82 1.73 -14.75
CA LYS A 252 -7.10 0.42 -15.18
C LYS A 252 -5.84 -0.46 -15.10
N ILE A 253 -4.72 0.07 -15.54
CA ILE A 253 -3.51 -0.66 -15.52
C ILE A 253 -3.11 -0.80 -14.10
N LEU A 254 -3.09 0.31 -13.35
CA LEU A 254 -2.45 0.31 -12.06
C LEU A 254 -3.23 -0.53 -10.97
N LEU A 255 -4.54 -0.48 -11.01
CA LEU A 255 -5.34 -1.35 -10.14
C LEU A 255 -5.09 -2.79 -10.38
N GLU A 256 -4.89 -3.16 -11.66
CA GLU A 256 -4.59 -4.56 -12.02
C GLU A 256 -3.20 -4.96 -11.56
N MET A 257 -2.28 -4.01 -11.55
CA MET A 257 -0.98 -4.28 -10.99
C MET A 257 -1.12 -4.49 -9.51
N GLY A 258 -1.83 -3.61 -8.84
CA GLY A 258 -2.07 -3.78 -7.37
C GLY A 258 -2.69 -5.13 -6.98
N GLU A 259 -3.58 -5.67 -7.80
CA GLU A 259 -4.16 -6.99 -7.57
C GLU A 259 -3.08 -8.02 -7.61
N PHE A 260 -2.25 -8.06 -8.65
CA PHE A 260 -1.13 -9.05 -8.71
C PHE A 260 -0.17 -8.88 -7.47
N PHE A 261 0.21 -7.64 -7.21
CA PHE A 261 1.16 -7.33 -6.19
C PHE A 261 0.69 -7.93 -4.87
N GLN A 262 -0.59 -7.81 -4.60
CA GLN A 262 -1.07 -8.35 -3.36
C GLN A 262 -1.13 -9.88 -3.39
N ILE A 263 -1.53 -10.42 -4.55
CA ILE A 263 -1.63 -11.82 -4.72
C ILE A 263 -0.26 -12.41 -4.56
N GLN A 264 0.75 -11.70 -5.05
CA GLN A 264 2.10 -12.23 -4.93
C GLN A 264 2.48 -12.19 -3.43
N ASP A 265 2.18 -11.05 -2.80
CA ASP A 265 2.37 -10.87 -1.35
C ASP A 265 1.84 -12.03 -0.50
N ASP A 266 0.62 -12.44 -0.79
CA ASP A 266 -0.05 -13.53 -0.07
C ASP A 266 0.59 -14.88 -0.34
N TYR A 267 1.06 -15.08 -1.57
CA TYR A 267 1.79 -16.28 -1.89
C TYR A 267 3.10 -16.30 -1.12
N LEU A 268 3.84 -15.21 -1.17
CA LEU A 268 5.15 -15.18 -0.60
C LEU A 268 5.14 -15.20 0.89
N ASP A 269 4.07 -14.67 1.49
CA ASP A 269 3.86 -14.69 2.94
C ASP A 269 4.15 -16.11 3.49
N LEU A 270 3.49 -17.10 2.84
CA LEU A 270 3.65 -18.54 3.08
C LEU A 270 4.82 -19.28 2.39
N PHE A 271 5.17 -18.95 1.15
CA PHE A 271 6.14 -19.74 0.37
C PHE A 271 7.38 -18.98 0.02
N GLY A 272 7.56 -17.79 0.57
CA GLY A 272 8.74 -16.99 0.30
C GLY A 272 9.96 -17.63 0.89
N ASP A 273 11.10 -17.17 0.40
CA ASP A 273 12.36 -17.48 1.04
C ASP A 273 12.54 -16.42 2.11
N PRO A 274 12.57 -16.85 3.39
CA PRO A 274 12.52 -15.81 4.41
C PRO A 274 13.91 -15.27 4.70
N LYS A 279 11.54 -12.94 6.31
CA LYS A 279 10.46 -12.54 7.23
C LYS A 279 9.25 -13.53 7.17
N ILE A 280 9.29 -14.67 7.89
CA ILE A 280 8.17 -15.66 7.91
C ILE A 280 6.87 -14.90 8.15
N GLY A 281 5.83 -15.28 7.43
CA GLY A 281 4.52 -14.62 7.53
C GLY A 281 3.60 -15.34 8.51
N THR A 282 2.46 -14.70 8.76
CA THR A 282 1.54 -15.16 9.73
C THR A 282 0.12 -15.16 9.20
N ASP A 283 -0.10 -15.15 7.90
CA ASP A 283 -1.49 -14.98 7.39
C ASP A 283 -2.54 -16.03 7.79
N ILE A 284 -2.16 -17.30 7.87
CA ILE A 284 -3.10 -18.38 8.22
C ILE A 284 -3.43 -18.37 9.73
N GLN A 285 -2.40 -18.09 10.56
CA GLN A 285 -2.52 -17.74 12.00
C GLN A 285 -3.50 -16.60 12.30
N ASP A 286 -3.76 -15.73 11.32
CA ASP A 286 -4.60 -14.57 11.55
C ASP A 286 -5.93 -14.56 10.82
N ASN A 287 -6.34 -15.70 10.26
CA ASN A 287 -7.64 -15.87 9.56
C ASN A 287 -7.78 -14.78 8.44
N LYS A 288 -6.67 -14.54 7.70
CA LYS A 288 -6.66 -13.56 6.63
C LYS A 288 -7.41 -14.05 5.42
N CYS A 289 -7.92 -13.10 4.66
CA CYS A 289 -8.58 -13.40 3.44
C CYS A 289 -7.50 -13.25 2.41
N SER A 290 -6.74 -14.33 2.34
CA SER A 290 -5.56 -14.46 1.55
C SER A 290 -5.99 -15.08 0.25
N TRP A 291 -5.33 -14.62 -0.81
CA TRP A 291 -5.47 -15.28 -2.06
C TRP A 291 -5.28 -16.79 -1.91
N LEU A 292 -4.34 -17.23 -1.09
CA LEU A 292 -4.14 -18.67 -0.97
C LEU A 292 -5.42 -19.43 -0.49
N VAL A 293 -5.98 -18.97 0.63
CA VAL A 293 -7.17 -19.57 1.20
C VAL A 293 -8.34 -19.51 0.22
N VAL A 294 -8.40 -18.44 -0.57
CA VAL A 294 -9.53 -18.25 -1.52
C VAL A 294 -9.52 -19.35 -2.59
N GLN A 295 -8.31 -19.65 -3.06
CA GLN A 295 -8.12 -20.66 -4.09
C GLN A 295 -8.40 -22.06 -3.50
N CYS A 296 -7.70 -22.39 -2.42
CA CYS A 296 -7.99 -23.52 -1.59
C CYS A 296 -9.48 -23.83 -1.52
N LEU A 297 -10.25 -22.84 -1.12
CA LEU A 297 -11.69 -23.04 -0.93
C LEU A 297 -12.45 -23.35 -2.22
N GLN A 298 -12.08 -22.71 -3.34
CA GLN A 298 -12.58 -23.08 -4.68
C GLN A 298 -12.17 -24.48 -5.16
N ARG A 299 -11.03 -24.97 -4.70
CA ARG A 299 -10.43 -26.13 -5.29
C ARG A 299 -10.63 -27.39 -4.39
N ALA A 300 -11.25 -27.22 -3.21
CA ALA A 300 -11.29 -28.24 -2.15
C ALA A 300 -12.53 -29.14 -2.15
N THR A 301 -12.28 -30.42 -1.87
CA THR A 301 -13.33 -31.41 -1.57
C THR A 301 -13.96 -31.06 -0.21
N PRO A 302 -15.16 -31.61 0.10
CA PRO A 302 -15.76 -31.24 1.39
C PRO A 302 -14.93 -31.66 2.62
N GLU A 303 -14.13 -32.73 2.48
CA GLU A 303 -13.25 -33.20 3.59
C GLU A 303 -12.14 -32.15 3.83
N GLN A 304 -11.62 -31.61 2.75
CA GLN A 304 -10.53 -30.63 2.85
C GLN A 304 -11.00 -29.26 3.42
N TYR A 305 -12.22 -28.85 3.03
CA TYR A 305 -12.97 -27.75 3.67
C TYR A 305 -12.86 -27.86 5.20
N GLN A 306 -13.14 -29.08 5.73
CA GLN A 306 -13.05 -29.35 7.17
C GLN A 306 -11.62 -29.22 7.73
N ILE A 307 -10.62 -29.72 7.00
CA ILE A 307 -9.23 -29.60 7.45
C ILE A 307 -8.84 -28.12 7.57
N LEU A 308 -9.47 -27.31 6.72
CA LEU A 308 -9.28 -25.87 6.77
C LEU A 308 -10.02 -25.25 7.94
N LYS A 309 -11.30 -25.67 8.11
CA LYS A 309 -12.09 -25.23 9.26
C LYS A 309 -11.24 -25.40 10.54
N GLU A 310 -10.66 -26.59 10.77
CA GLU A 310 -9.96 -26.86 12.05
C GLU A 310 -8.56 -26.14 12.24
N ASN A 311 -7.91 -25.67 11.17
CA ASN A 311 -6.53 -25.14 11.28
C ASN A 311 -6.32 -23.66 10.85
N TYR A 312 -7.27 -23.12 10.11
CA TYR A 312 -7.15 -21.73 9.69
C TYR A 312 -7.42 -20.90 10.95
N GLY A 313 -6.39 -20.16 11.37
CA GLY A 313 -6.49 -19.23 12.48
C GLY A 313 -5.80 -19.59 13.80
N GLN A 314 -5.50 -20.85 14.08
CA GLN A 314 -4.86 -21.16 15.38
C GLN A 314 -3.37 -20.73 15.28
N LYS A 315 -2.81 -20.39 16.44
CA LYS A 315 -1.39 -20.04 16.61
C LYS A 315 -0.41 -21.22 16.66
N GLU A 316 -0.86 -22.48 16.59
CA GLU A 316 -0.02 -23.66 16.88
C GLU A 316 0.69 -24.03 15.58
N ALA A 317 2.03 -24.10 15.60
CA ALA A 317 2.85 -24.32 14.38
C ALA A 317 2.59 -25.66 13.63
N GLU A 318 2.21 -26.71 14.38
CA GLU A 318 1.71 -27.99 13.82
C GLU A 318 0.33 -27.80 13.14
N LYS A 319 -0.48 -26.85 13.65
CA LYS A 319 -1.76 -26.47 13.03
C LYS A 319 -1.54 -25.61 11.75
N VAL A 320 -0.51 -24.77 11.78
CA VAL A 320 -0.14 -23.92 10.63
C VAL A 320 0.51 -24.81 9.51
N ALA A 321 1.38 -25.72 9.96
CA ALA A 321 1.98 -26.83 9.17
C ALA A 321 1.06 -27.68 8.26
N ARG A 322 -0.20 -27.78 8.77
CA ARG A 322 -1.18 -28.64 8.16
C ARG A 322 -2.07 -27.93 7.16
N VAL A 323 -2.20 -26.60 7.22
CA VAL A 323 -2.87 -25.88 6.11
C VAL A 323 -1.87 -25.81 4.96
N LYS A 324 -0.64 -25.37 5.29
CA LYS A 324 0.47 -25.26 4.34
C LYS A 324 0.65 -26.51 3.49
N ALA A 325 0.69 -27.64 4.19
CA ALA A 325 0.74 -28.88 3.52
C ALA A 325 -0.57 -29.14 2.69
N LEU A 326 -1.74 -28.60 3.09
CA LEU A 326 -2.96 -28.77 2.25
C LEU A 326 -2.87 -27.86 1.00
N TYR A 327 -2.19 -26.76 1.16
CA TYR A 327 -1.95 -25.90 0.00
C TYR A 327 -0.96 -26.58 -0.97
N GLU A 328 0.05 -27.23 -0.44
CA GLU A 328 0.99 -27.91 -1.29
C GLU A 328 0.28 -29.08 -1.97
N GLU A 329 -0.57 -29.80 -1.24
CA GLU A 329 -1.31 -30.95 -1.83
C GLU A 329 -2.27 -30.49 -2.97
N LEU A 330 -2.82 -29.27 -2.84
CA LEU A 330 -3.64 -28.68 -3.94
C LEU A 330 -2.80 -27.97 -5.05
N ASP A 331 -1.47 -28.12 -5.02
CA ASP A 331 -0.55 -27.49 -6.01
C ASP A 331 -0.86 -26.01 -6.20
N LEU A 332 -0.89 -25.30 -5.10
CA LEU A 332 -1.15 -23.90 -5.18
C LEU A 332 0.12 -23.09 -5.57
N PRO A 333 1.34 -23.59 -5.19
CA PRO A 333 2.53 -22.90 -5.76
C PRO A 333 2.54 -22.82 -7.27
N ALA A 334 1.94 -23.85 -7.88
CA ALA A 334 1.90 -24.07 -9.31
C ALA A 334 0.77 -23.25 -9.94
N VAL A 335 -0.41 -23.26 -9.36
CA VAL A 335 -1.52 -22.32 -9.75
C VAL A 335 -1.10 -20.81 -9.68
N PHE A 336 -0.24 -20.52 -8.70
CA PHE A 336 0.29 -19.21 -8.57
C PHE A 336 1.24 -18.98 -9.70
N LEU A 337 2.13 -19.92 -9.97
CA LEU A 337 3.10 -19.74 -11.02
C LEU A 337 2.31 -19.49 -12.33
N GLN A 338 1.34 -20.35 -12.61
CA GLN A 338 0.41 -20.15 -13.74
C GLN A 338 -0.22 -18.75 -13.68
N TYR A 339 -0.76 -18.41 -12.50
CA TYR A 339 -1.43 -17.12 -12.31
C TYR A 339 -0.45 -15.98 -12.64
N GLU A 340 0.82 -16.06 -12.20
CA GLU A 340 1.79 -14.99 -12.41
C GLU A 340 2.11 -14.71 -13.90
N GLU A 341 2.20 -15.79 -14.66
CA GLU A 341 2.41 -15.72 -16.10
C GLU A 341 1.21 -15.02 -16.84
N ASP A 342 0.00 -15.50 -16.57
CA ASP A 342 -1.20 -14.94 -17.21
C ASP A 342 -1.28 -13.47 -16.82
N SER A 343 -1.04 -13.20 -15.55
CA SER A 343 -1.20 -11.83 -15.05
C SER A 343 -0.19 -10.89 -15.75
N TYR A 344 0.99 -11.40 -15.98
CA TYR A 344 1.99 -10.63 -16.64
C TYR A 344 1.61 -10.36 -18.11
N SER A 345 1.20 -11.39 -18.83
CA SER A 345 0.71 -11.21 -20.20
C SER A 345 -0.34 -10.09 -20.17
N HIS A 346 -1.31 -10.26 -19.26
CA HIS A 346 -2.50 -9.38 -19.22
C HIS A 346 -2.13 -7.92 -18.91
N ILE A 347 -1.14 -7.72 -18.07
CA ILE A 347 -0.66 -6.38 -17.80
C ILE A 347 -0.02 -5.71 -18.97
N MET A 348 0.76 -6.45 -19.69
CA MET A 348 1.38 -5.90 -20.87
C MET A 348 0.31 -5.59 -21.93
N ALA A 349 -0.69 -6.43 -22.08
CA ALA A 349 -1.82 -6.05 -22.94
C ALA A 349 -2.47 -4.77 -22.42
N LEU A 350 -2.63 -4.64 -21.14
CA LEU A 350 -3.19 -3.43 -20.60
C LEU A 350 -2.35 -2.22 -20.91
N ILE A 351 -1.02 -2.36 -20.81
CA ILE A 351 -0.16 -1.23 -21.05
C ILE A 351 -0.23 -0.85 -22.50
N GLU A 352 -0.18 -1.86 -23.37
CA GLU A 352 -0.29 -1.65 -24.83
C GLU A 352 -1.50 -0.83 -25.06
N GLN A 353 -2.63 -1.30 -24.53
CA GLN A 353 -3.91 -0.66 -24.84
C GLN A 353 -4.20 0.71 -24.16
N TYR A 354 -3.83 0.85 -22.90
CA TYR A 354 -4.28 1.98 -22.11
C TYR A 354 -3.19 3.00 -21.70
N ALA A 355 -1.93 2.75 -22.03
CA ALA A 355 -0.89 3.65 -21.57
C ALA A 355 -0.92 4.97 -22.30
N ALA A 356 -1.18 4.89 -23.61
CA ALA A 356 -1.06 6.05 -24.51
C ALA A 356 -2.00 7.09 -23.99
N PRO A 357 -1.58 8.35 -23.92
CA PRO A 357 -0.36 8.87 -24.46
C PRO A 357 0.74 9.03 -23.40
N LEU A 358 0.65 8.39 -22.22
CA LEU A 358 1.73 8.50 -21.26
C LEU A 358 2.79 7.58 -21.76
N PRO A 359 4.05 7.88 -21.41
CA PRO A 359 5.17 6.96 -21.82
C PRO A 359 5.00 5.54 -21.17
N PRO A 360 5.01 4.51 -21.98
CA PRO A 360 4.85 3.24 -21.36
C PRO A 360 5.84 2.97 -20.27
N ALA A 361 6.99 3.54 -20.34
CA ALA A 361 7.93 3.40 -19.30
C ALA A 361 7.40 3.68 -17.86
N VAL A 362 6.39 4.49 -17.72
CA VAL A 362 5.84 4.81 -16.41
C VAL A 362 5.33 3.58 -15.73
N PHE A 363 4.61 2.78 -16.49
CA PHE A 363 4.02 1.53 -16.10
C PHE A 363 5.05 0.43 -16.09
N LEU A 364 5.93 0.40 -17.09
CA LEU A 364 6.81 -0.71 -17.22
C LEU A 364 7.76 -0.79 -16.07
N GLY A 365 8.23 0.36 -15.56
CA GLY A 365 9.17 0.34 -14.46
C GLY A 365 8.49 -0.25 -13.22
N LEU A 366 7.19 0.03 -13.05
CA LEU A 366 6.46 -0.55 -11.94
C LEU A 366 6.29 -2.03 -12.16
N ALA A 367 5.89 -2.42 -13.39
CA ALA A 367 5.76 -3.84 -13.70
C ALA A 367 7.09 -4.60 -13.48
N ARG A 368 8.17 -3.89 -13.70
CA ARG A 368 9.46 -4.48 -13.62
C ARG A 368 9.64 -4.78 -12.17
N LYS A 369 9.38 -3.78 -11.31
CA LYS A 369 9.61 -3.89 -9.87
C LYS A 369 8.78 -5.07 -9.21
N ILE A 370 7.55 -5.13 -9.61
CA ILE A 370 6.60 -6.08 -9.08
C ILE A 370 6.78 -7.49 -9.59
N TYR A 371 7.01 -7.66 -10.90
CA TYR A 371 7.12 -8.97 -11.46
C TYR A 371 8.52 -9.61 -11.26
N LYS A 372 9.46 -8.92 -10.59
CA LYS A 372 10.74 -9.46 -10.09
C LYS A 372 10.64 -10.89 -9.58
#